data_9CKX
#
_entry.id   9CKX
#
_cell.length_a   67.410
_cell.length_b   63.920
_cell.length_c   67.430
_cell.angle_alpha   90.000
_cell.angle_beta   98.830
_cell.angle_gamma   90.000
#
_symmetry.space_group_name_H-M   'P 1 21 1'
#
loop_
_entity.id
_entity.type
_entity.pdbx_description
1 polymer 'Ubiquitin-domain-containing protein,Response regulator FrzS,Vesicle-associated membrane protein 2'
2 water water
#
_entity_poly.entity_id   1
_entity_poly.type   'polypeptide(L)'
_entity_poly.pdbx_seq_one_letter_code
;GPHMEQLEGIMLSPAFQEQMNALMLDPRMLDMMIDQNPQLRNMGPEARQMLRPMFREMMSNPESMRSMMNMGRAWGSKKI
LIVESDTALSATLRSALEGRGFTVDETTDGKGSVEQIRRDRPDLVVLAVDLSAGQNGYLICGKLKKDDDLKNVPIVIIGN
PDGFAQHRKLKAHADEYVAKPVDADQLVERAGALIGFPEGNSMMIALGVACAIALAIAAVYF
;
_entity_poly.pdbx_strand_id   A,B
#
# COMPACT_ATOMS: atom_id res chain seq x y z
N GLY A 1 11.43 -9.83 2.99
CA GLY A 1 10.42 -9.62 1.92
C GLY A 1 9.80 -8.23 1.96
N PRO A 2 8.47 -8.18 1.87
CA PRO A 2 7.78 -6.88 1.86
C PRO A 2 8.28 -5.97 2.98
N HIS A 3 8.27 -4.67 2.71
CA HIS A 3 8.78 -3.67 3.64
C HIS A 3 7.57 -2.97 4.26
N MET A 4 7.22 -3.39 5.47
CA MET A 4 6.00 -2.92 6.13
C MET A 4 6.28 -1.88 7.20
N GLU A 5 7.51 -1.38 7.32
CA GLU A 5 7.85 -0.55 8.47
C GLU A 5 6.97 0.70 8.53
N GLN A 6 6.78 1.37 7.39
CA GLN A 6 5.91 2.54 7.38
C GLN A 6 4.49 2.15 7.75
N LEU A 7 3.99 1.03 7.20
CA LEU A 7 2.65 0.57 7.56
C LEU A 7 2.55 0.26 9.05
N GLU A 8 3.60 -0.36 9.61
CA GLU A 8 3.65 -0.52 11.06
C GLU A 8 3.67 0.84 11.75
N GLY A 9 4.34 1.82 11.14
CA GLY A 9 4.31 3.17 11.68
C GLY A 9 2.91 3.74 11.74
N ILE A 10 2.15 3.58 10.64
CA ILE A 10 0.77 4.08 10.62
C ILE A 10 -0.03 3.50 11.77
N MET A 11 0.03 2.17 11.93
CA MET A 11 -0.76 1.48 12.95
C MET A 11 -0.53 2.09 14.33
N LEU A 12 0.65 2.65 14.58
CA LEU A 12 0.96 3.23 15.88
C LEU A 12 0.88 4.76 15.89
N SER A 13 0.64 5.38 14.74
CA SER A 13 0.62 6.84 14.67
C SER A 13 -0.57 7.40 15.45
N PRO A 14 -0.42 8.59 16.04
CA PRO A 14 -1.59 9.23 16.64
C PRO A 14 -2.73 9.42 15.66
N ALA A 15 -2.42 9.82 14.42
CA ALA A 15 -3.46 10.12 13.45
C ALA A 15 -4.32 8.90 13.16
N PHE A 16 -3.70 7.72 13.02
CA PHE A 16 -4.48 6.51 12.79
C PHE A 16 -5.45 6.28 13.94
N GLN A 17 -4.97 6.43 15.17
CA GLN A 17 -5.83 6.22 16.32
C GLN A 17 -7.00 7.20 16.32
N GLU A 18 -6.73 8.48 16.02
CA GLU A 18 -7.79 9.48 16.01
C GLU A 18 -8.79 9.21 14.89
N GLN A 19 -8.29 8.78 13.72
CA GLN A 19 -9.18 8.54 12.59
C GLN A 19 -10.10 7.35 12.86
N MET A 20 -9.57 6.28 13.45
CA MET A 20 -10.43 5.16 13.83
C MET A 20 -11.40 5.56 14.95
N ASN A 21 -10.94 6.39 15.88
CA ASN A 21 -11.84 6.93 16.90
C ASN A 21 -13.01 7.64 16.26
N ALA A 22 -12.72 8.50 15.28
CA ALA A 22 -13.78 9.25 14.61
C ALA A 22 -14.72 8.32 13.86
N LEU A 23 -14.17 7.31 13.17
CA LEU A 23 -14.98 6.44 12.33
C LEU A 23 -15.98 5.64 13.15
N MET A 24 -15.60 5.24 14.36
CA MET A 24 -16.44 4.42 15.20
C MET A 24 -17.24 5.23 16.21
N LEU A 25 -17.09 6.56 16.22
CA LEU A 25 -17.86 7.37 17.14
C LEU A 25 -19.33 7.37 16.77
N ASP A 26 -19.65 7.52 15.47
CA ASP A 26 -21.04 7.34 15.06
C ASP A 26 -21.21 5.96 14.44
N PRO A 27 -21.96 5.05 15.08
CA PRO A 27 -22.02 3.67 14.58
C PRO A 27 -22.86 3.48 13.33
N ARG A 28 -23.55 4.52 12.84
CA ARG A 28 -24.26 4.40 11.57
C ARG A 28 -23.32 3.92 10.47
N MET A 29 -22.15 4.53 10.39
CA MET A 29 -21.14 4.17 9.39
C MET A 29 -20.85 2.68 9.42
N LEU A 30 -20.42 2.16 10.58
CA LEU A 30 -20.01 0.77 10.67
C LEU A 30 -21.20 -0.16 10.57
N ASP A 31 -22.34 0.22 11.16
CA ASP A 31 -23.54 -0.59 11.03
C ASP A 31 -23.90 -0.79 9.57
N MET A 32 -23.76 0.27 8.76
CA MET A 32 -24.08 0.15 7.34
C MET A 32 -23.12 -0.81 6.65
N MET A 33 -21.81 -0.65 6.88
CA MET A 33 -20.82 -1.53 6.25
C MET A 33 -21.01 -2.97 6.70
N ILE A 34 -21.29 -3.19 7.99
CA ILE A 34 -21.61 -4.51 8.50
C ILE A 34 -22.83 -5.07 7.77
N ASP A 35 -23.87 -4.25 7.63
CA ASP A 35 -25.14 -4.74 7.08
C ASP A 35 -25.07 -4.95 5.57
N GLN A 36 -24.03 -4.46 4.90
CA GLN A 36 -23.82 -4.78 3.50
C GLN A 36 -23.55 -6.27 3.31
N ASN A 37 -23.05 -6.94 4.35
CA ASN A 37 -22.64 -8.33 4.25
C ASN A 37 -23.77 -9.19 4.77
N PRO A 38 -24.46 -9.96 3.92
CA PRO A 38 -25.53 -10.83 4.44
C PRO A 38 -25.06 -11.72 5.58
N GLN A 39 -23.81 -12.19 5.49
CA GLN A 39 -23.28 -13.10 6.50
C GLN A 39 -23.03 -12.41 7.83
N LEU A 40 -22.91 -11.09 7.86
CA LEU A 40 -22.65 -10.37 9.10
C LEU A 40 -23.83 -9.54 9.58
N ARG A 41 -24.84 -9.30 8.74
CA ARG A 41 -25.87 -8.35 9.12
C ARG A 41 -26.69 -8.80 10.31
N ASN A 42 -26.71 -10.10 10.61
CA ASN A 42 -27.44 -10.58 11.78
C ASN A 42 -26.62 -10.49 13.07
N MET A 43 -25.37 -9.99 12.99
CA MET A 43 -24.63 -9.64 14.19
C MET A 43 -25.51 -8.85 15.15
N GLY A 44 -25.64 -9.36 16.38
CA GLY A 44 -26.58 -8.82 17.33
C GLY A 44 -26.11 -7.52 17.96
N PRO A 45 -27.00 -6.87 18.71
CA PRO A 45 -26.64 -5.58 19.31
C PRO A 45 -25.57 -5.69 20.37
N GLU A 46 -25.53 -6.78 21.13
CA GLU A 46 -24.46 -6.97 22.11
C GLU A 46 -23.10 -6.93 21.45
N ALA A 47 -22.95 -7.65 20.33
CA ALA A 47 -21.67 -7.66 19.62
C ALA A 47 -21.34 -6.28 19.04
N ARG A 48 -22.32 -5.60 18.46
CA ARG A 48 -22.09 -4.25 17.95
C ARG A 48 -21.69 -3.31 19.08
N GLN A 49 -22.25 -3.50 20.27
CA GLN A 49 -21.88 -2.67 21.42
C GLN A 49 -20.43 -2.90 21.83
N MET A 50 -19.87 -4.08 21.54
CA MET A 50 -18.48 -4.35 21.89
C MET A 50 -17.50 -3.86 20.83
N LEU A 51 -17.99 -3.25 19.75
CA LEU A 51 -17.11 -2.80 18.69
C LEU A 51 -16.14 -1.73 19.19
N ARG A 52 -16.67 -0.71 19.89
CA ARG A 52 -15.80 0.34 20.40
C ARG A 52 -14.91 -0.20 21.51
N PRO A 53 -15.42 -0.91 22.52
CA PRO A 53 -14.51 -1.51 23.50
C PRO A 53 -13.42 -2.38 22.87
N MET A 54 -13.77 -3.18 21.85
CA MET A 54 -12.76 -4.05 21.26
C MET A 54 -11.74 -3.27 20.47
N PHE A 55 -12.13 -2.13 19.88
CA PHE A 55 -11.12 -1.33 19.21
C PHE A 55 -10.18 -0.69 20.21
N ARG A 56 -10.74 -0.17 21.31
CA ARG A 56 -9.91 0.41 22.36
C ARG A 56 -8.91 -0.62 22.88
N GLU A 57 -9.38 -1.85 23.14
CA GLU A 57 -8.46 -2.91 23.52
C GLU A 57 -7.46 -3.19 22.40
N MET A 58 -7.93 -3.14 21.15
CA MET A 58 -7.04 -3.40 20.02
C MET A 58 -5.91 -2.39 19.96
N MET A 59 -6.21 -1.13 20.24
CA MET A 59 -5.18 -0.12 20.11
C MET A 59 -4.25 -0.06 21.31
N SER A 60 -4.69 -0.54 22.47
CA SER A 60 -3.76 -0.69 23.58
C SER A 60 -2.75 -1.81 23.31
N ASN A 61 -3.14 -2.81 22.54
CA ASN A 61 -2.20 -3.78 21.99
C ASN A 61 -2.79 -4.37 20.72
N PRO A 62 -2.39 -3.90 19.54
CA PRO A 62 -2.92 -4.39 18.27
C PRO A 62 -2.26 -5.67 17.77
N GLU A 63 -2.18 -6.69 18.63
CA GLU A 63 -1.66 -7.97 18.20
C GLU A 63 -2.47 -8.56 17.05
N SER A 64 -3.78 -8.36 17.08
CA SER A 64 -4.62 -8.87 16.00
C SER A 64 -4.18 -8.31 14.66
N MET A 65 -4.05 -6.99 14.58
CA MET A 65 -3.62 -6.39 13.32
C MET A 65 -2.19 -6.81 12.97
N ARG A 66 -1.28 -6.74 13.95
CA ARG A 66 0.10 -7.13 13.68
C ARG A 66 0.19 -8.59 13.27
N SER A 67 -0.56 -9.46 13.95
CA SER A 67 -0.59 -10.88 13.61
C SER A 67 -0.89 -11.08 12.13
N MET A 68 -1.92 -10.38 11.63
CA MET A 68 -2.38 -10.58 10.26
C MET A 68 -1.45 -9.91 9.27
N MET A 69 -0.96 -8.70 9.57
CA MET A 69 0.06 -8.08 8.74
C MET A 69 1.29 -8.99 8.57
N ASN A 70 1.70 -9.67 9.65
CA ASN A 70 2.84 -10.57 9.55
C ASN A 70 2.53 -11.77 8.65
N MET A 71 1.34 -12.36 8.81
CA MET A 71 0.87 -13.41 7.90
C MET A 71 0.93 -12.94 6.45
N GLY A 72 0.37 -11.77 6.18
CA GLY A 72 0.35 -11.26 4.82
C GLY A 72 1.74 -11.02 4.25
N ARG A 73 2.64 -10.43 5.06
CA ARG A 73 4.01 -10.24 4.60
C ARG A 73 4.64 -11.57 4.21
N ALA A 74 4.33 -12.62 4.97
CA ALA A 74 4.96 -13.91 4.72
C ALA A 74 4.43 -14.58 3.47
N TRP A 75 3.15 -14.38 3.15
CA TRP A 75 2.54 -14.98 1.97
C TRP A 75 2.38 -13.99 0.83
N GLY A 76 2.73 -12.73 1.02
CA GLY A 76 2.59 -11.72 -0.02
C GLY A 76 3.87 -11.47 -0.79
N SER A 77 4.77 -12.45 -0.75
CA SER A 77 6.05 -12.36 -1.46
C SER A 77 5.87 -12.88 -2.88
N LYS A 78 6.12 -12.02 -3.86
CA LYS A 78 6.04 -12.38 -5.27
C LYS A 78 7.44 -12.44 -5.85
N LYS A 79 7.62 -13.38 -6.78
CA LYS A 79 8.95 -13.76 -7.24
C LYS A 79 9.18 -13.30 -8.67
N ILE A 80 10.36 -12.74 -8.92
CA ILE A 80 10.78 -12.24 -10.21
C ILE A 80 12.02 -13.01 -10.63
N LEU A 81 12.03 -13.52 -11.86
CA LEU A 81 13.22 -14.12 -12.43
C LEU A 81 13.83 -13.14 -13.44
N ILE A 82 15.13 -12.88 -13.30
CA ILE A 82 15.88 -12.06 -14.25
C ILE A 82 16.69 -13.00 -15.15
N VAL A 83 16.43 -12.94 -16.45
CA VAL A 83 17.21 -13.67 -17.44
C VAL A 83 18.09 -12.65 -18.14
N GLU A 84 19.36 -12.59 -17.74
CA GLU A 84 20.26 -11.53 -18.17
C GLU A 84 21.69 -12.04 -18.05
N SER A 85 22.45 -11.97 -19.15
CA SER A 85 23.83 -12.43 -19.14
C SER A 85 24.82 -11.37 -18.64
N ASP A 86 24.43 -10.10 -18.64
CA ASP A 86 25.20 -9.03 -18.02
C ASP A 86 25.03 -9.18 -16.50
N THR A 87 26.01 -9.82 -15.86
CA THR A 87 25.87 -10.14 -14.44
C THR A 87 25.78 -8.87 -13.59
N ALA A 88 26.60 -7.87 -13.90
CA ALA A 88 26.63 -6.65 -13.09
C ALA A 88 25.28 -5.94 -13.14
N LEU A 89 24.65 -5.89 -14.31
CA LEU A 89 23.33 -5.26 -14.40
C LEU A 89 22.27 -6.11 -13.71
N SER A 90 22.34 -7.43 -13.89
CA SER A 90 21.38 -8.32 -13.25
C SER A 90 21.44 -8.17 -11.73
N ALA A 91 22.65 -8.05 -11.18
CA ALA A 91 22.78 -7.90 -9.74
C ALA A 91 22.23 -6.55 -9.27
N THR A 92 22.47 -5.49 -10.04
CA THR A 92 21.95 -4.17 -9.67
C THR A 92 20.43 -4.17 -9.71
N LEU A 93 19.83 -4.77 -10.74
CA LEU A 93 18.38 -4.81 -10.84
C LEU A 93 17.78 -5.68 -9.73
N ARG A 94 18.45 -6.77 -9.37
CA ARG A 94 17.94 -7.64 -8.32
C ARG A 94 17.86 -6.91 -6.99
N SER A 95 18.90 -6.15 -6.64
CA SER A 95 18.91 -5.46 -5.35
C SER A 95 17.84 -4.37 -5.30
N ALA A 96 17.56 -3.72 -6.44
CA ALA A 96 16.50 -2.72 -6.45
C ALA A 96 15.14 -3.37 -6.24
N LEU A 97 14.89 -4.47 -6.95
CA LEU A 97 13.64 -5.20 -6.77
C LEU A 97 13.56 -5.77 -5.37
N GLU A 98 14.64 -6.36 -4.87
CA GLU A 98 14.66 -6.80 -3.48
C GLU A 98 14.49 -5.61 -2.53
N GLY A 99 15.04 -4.46 -2.89
CA GLY A 99 14.86 -3.28 -2.07
C GLY A 99 13.43 -2.77 -2.02
N ARG A 100 12.61 -3.16 -3.00
CA ARG A 100 11.19 -2.84 -3.00
C ARG A 100 10.36 -3.93 -2.34
N GLY A 101 10.94 -5.09 -2.07
CA GLY A 101 10.25 -6.15 -1.37
C GLY A 101 10.05 -7.41 -2.17
N PHE A 102 10.57 -7.49 -3.38
CA PHE A 102 10.35 -8.67 -4.19
C PHE A 102 11.40 -9.74 -3.89
N THR A 103 11.01 -11.00 -4.10
CA THR A 103 11.94 -12.12 -4.13
C THR A 103 12.45 -12.32 -5.56
N VAL A 104 13.77 -12.40 -5.71
CA VAL A 104 14.38 -12.33 -7.03
C VAL A 104 15.32 -13.52 -7.25
N ASP A 105 15.16 -14.20 -8.37
CA ASP A 105 16.10 -15.21 -8.85
C ASP A 105 16.81 -14.69 -10.09
N GLU A 106 17.95 -15.29 -10.42
CA GLU A 106 18.75 -14.83 -11.55
C GLU A 106 19.28 -15.99 -12.38
N THR A 107 19.44 -15.75 -13.69
CA THR A 107 20.03 -16.74 -14.56
C THR A 107 20.71 -16.09 -15.76
N THR A 108 21.86 -16.66 -16.12
CA THR A 108 22.61 -16.31 -17.31
C THR A 108 22.14 -17.09 -18.53
N ASP A 109 21.37 -18.16 -18.32
CA ASP A 109 21.25 -19.26 -19.27
C ASP A 109 19.94 -19.09 -20.04
N GLY A 110 20.02 -18.42 -21.18
CA GLY A 110 18.83 -18.25 -22.01
C GLY A 110 18.22 -19.56 -22.45
N LYS A 111 19.05 -20.54 -22.82
CA LYS A 111 18.51 -21.78 -23.38
C LYS A 111 17.71 -22.55 -22.35
N GLY A 112 18.18 -22.61 -21.12
CA GLY A 112 17.47 -23.28 -20.05
C GLY A 112 16.34 -22.49 -19.43
N SER A 113 16.15 -21.25 -19.85
CA SER A 113 15.26 -20.34 -19.12
C SER A 113 13.81 -20.77 -19.22
N VAL A 114 13.40 -21.25 -20.40
CA VAL A 114 11.98 -21.57 -20.59
C VAL A 114 11.55 -22.67 -19.64
N GLU A 115 12.34 -23.75 -19.56
CA GLU A 115 11.99 -24.85 -18.67
C GLU A 115 12.20 -24.47 -17.20
N GLN A 116 13.17 -23.59 -16.92
CA GLN A 116 13.31 -23.08 -15.55
C GLN A 116 12.09 -22.28 -15.14
N ILE A 117 11.56 -21.47 -16.05
CA ILE A 117 10.32 -20.75 -15.76
C ILE A 117 9.19 -21.73 -15.49
N ARG A 118 9.10 -22.79 -16.30
CA ARG A 118 8.05 -23.78 -16.08
C ARG A 118 8.19 -24.44 -14.71
N ARG A 119 9.43 -24.77 -14.32
CA ARG A 119 9.65 -25.41 -13.03
C ARG A 119 9.29 -24.49 -11.87
N ASP A 120 9.82 -23.26 -11.90
CA ASP A 120 9.76 -22.39 -10.74
C ASP A 120 8.58 -21.42 -10.77
N ARG A 121 7.99 -21.19 -11.93
CA ARG A 121 6.76 -20.41 -12.05
C ARG A 121 6.85 -19.06 -11.35
N PRO A 122 7.81 -18.21 -11.71
CA PRO A 122 7.88 -16.86 -11.13
C PRO A 122 6.66 -16.03 -11.52
N ASP A 123 6.43 -14.98 -10.74
CA ASP A 123 5.31 -14.09 -11.00
C ASP A 123 5.62 -13.09 -12.10
N LEU A 124 6.90 -12.86 -12.40
CA LEU A 124 7.25 -11.95 -13.47
C LEU A 124 8.66 -12.25 -13.93
N VAL A 125 8.90 -12.06 -15.22
CA VAL A 125 10.20 -12.32 -15.83
C VAL A 125 10.75 -11.01 -16.41
N VAL A 126 11.96 -10.65 -16.00
CA VAL A 126 12.73 -9.61 -16.67
C VAL A 126 13.68 -10.29 -17.65
N LEU A 127 13.50 -10.02 -18.94
CA LEU A 127 14.18 -10.76 -19.99
C LEU A 127 14.95 -9.81 -20.90
N ALA A 128 16.27 -9.92 -20.89
CA ALA A 128 17.09 -9.06 -21.73
C ALA A 128 17.06 -9.54 -23.17
N VAL A 129 17.15 -8.59 -24.10
CA VAL A 129 17.20 -8.94 -25.52
C VAL A 129 18.51 -9.63 -25.84
N ASP A 130 19.63 -9.02 -25.45
CA ASP A 130 20.96 -9.49 -25.85
C ASP A 130 21.49 -10.43 -24.79
N LEU A 131 21.55 -11.72 -25.12
CA LEU A 131 22.01 -12.75 -24.20
C LEU A 131 23.14 -13.56 -24.82
N SER A 132 23.82 -14.32 -23.96
CA SER A 132 25.03 -15.03 -24.35
C SER A 132 24.70 -16.33 -25.08
N ALA A 133 25.70 -16.85 -25.77
CA ALA A 133 25.59 -18.11 -26.51
C ALA A 133 24.49 -18.05 -27.58
N GLY A 134 24.38 -16.89 -28.23
CA GLY A 134 23.48 -16.77 -29.35
C GLY A 134 22.02 -16.92 -29.03
N GLN A 135 21.64 -16.81 -27.77
CA GLN A 135 20.23 -16.70 -27.40
C GLN A 135 19.76 -15.24 -27.45
N ASN A 136 18.45 -15.06 -27.61
CA ASN A 136 17.90 -13.74 -27.84
C ASN A 136 16.58 -13.60 -27.10
N GLY A 137 16.44 -12.50 -26.37
CA GLY A 137 15.25 -12.29 -25.54
C GLY A 137 13.96 -12.26 -26.32
N TYR A 138 14.01 -11.73 -27.55
CA TYR A 138 12.83 -11.77 -28.41
C TYR A 138 12.44 -13.21 -28.74
N LEU A 139 13.43 -14.03 -29.06
CA LEU A 139 13.17 -15.43 -29.38
C LEU A 139 12.61 -16.17 -28.17
N ILE A 140 13.26 -16.00 -27.02
CA ILE A 140 12.77 -16.59 -25.77
C ILE A 140 11.34 -16.13 -25.52
N CYS A 141 11.09 -14.82 -25.64
CA CYS A 141 9.75 -14.30 -25.37
C CYS A 141 8.71 -14.93 -26.29
N GLY A 142 9.05 -15.16 -27.56
CA GLY A 142 8.10 -15.79 -28.46
C GLY A 142 7.78 -17.22 -28.06
N LYS A 143 8.78 -17.93 -27.53
CA LYS A 143 8.54 -19.29 -27.06
C LYS A 143 7.57 -19.28 -25.89
N LEU A 144 7.76 -18.38 -24.92
CA LEU A 144 6.89 -18.34 -23.76
C LEU A 144 5.45 -17.99 -24.13
N LYS A 145 5.27 -16.96 -24.96
CA LYS A 145 3.94 -16.53 -25.35
C LYS A 145 3.23 -17.52 -26.27
N LYS A 146 3.95 -18.46 -26.87
CA LYS A 146 3.35 -19.53 -27.66
C LYS A 146 2.97 -20.74 -26.82
N ASP A 147 3.48 -20.83 -25.59
CA ASP A 147 3.23 -21.94 -24.68
C ASP A 147 1.98 -21.67 -23.85
N ASP A 148 1.04 -22.62 -23.88
CA ASP A 148 -0.23 -22.38 -23.20
C ASP A 148 -0.08 -22.36 -21.68
N ASP A 149 0.87 -23.11 -21.13
CA ASP A 149 1.07 -23.09 -19.68
C ASP A 149 1.66 -21.76 -19.24
N LEU A 150 2.56 -21.19 -20.04
CA LEU A 150 3.36 -20.07 -19.60
C LEU A 150 2.98 -18.74 -20.24
N LYS A 151 2.03 -18.72 -21.16
CA LYS A 151 1.78 -17.50 -21.92
C LYS A 151 1.22 -16.36 -21.07
N ASN A 152 0.64 -16.67 -19.91
CA ASN A 152 0.09 -15.64 -19.04
C ASN A 152 1.10 -15.15 -18.02
N VAL A 153 2.34 -15.62 -18.07
CA VAL A 153 3.41 -15.12 -17.24
C VAL A 153 3.85 -13.75 -17.77
N PRO A 154 3.81 -12.69 -16.96
CA PRO A 154 4.20 -11.36 -17.47
C PRO A 154 5.70 -11.31 -17.74
N ILE A 155 6.06 -10.77 -18.90
CA ILE A 155 7.46 -10.61 -19.28
C ILE A 155 7.73 -9.13 -19.56
N VAL A 156 8.76 -8.60 -18.90
CA VAL A 156 9.30 -7.28 -19.18
C VAL A 156 10.59 -7.49 -19.96
N ILE A 157 10.62 -7.05 -21.21
CA ILE A 157 11.84 -7.10 -22.00
C ILE A 157 12.65 -5.84 -21.71
N ILE A 158 13.96 -6.03 -21.48
CA ILE A 158 14.91 -4.92 -21.41
C ILE A 158 15.91 -5.11 -22.54
N GLY A 159 16.24 -4.02 -23.23
CA GLY A 159 17.23 -4.10 -24.29
C GLY A 159 17.25 -2.83 -25.12
N ASN A 160 18.04 -2.89 -26.19
CA ASN A 160 18.03 -1.84 -27.20
C ASN A 160 16.60 -1.64 -27.72
N PRO A 161 16.06 -0.42 -27.69
CA PRO A 161 14.65 -0.24 -28.09
C PRO A 161 14.42 -0.30 -29.59
N ASP A 162 15.47 -0.52 -30.40
CA ASP A 162 15.32 -0.49 -31.84
C ASP A 162 14.21 -1.43 -32.29
N GLY A 163 14.15 -2.62 -31.72
CA GLY A 163 13.21 -3.62 -32.17
C GLY A 163 11.89 -3.68 -31.45
N PHE A 164 11.62 -2.73 -30.54
CA PHE A 164 10.44 -2.85 -29.69
C PHE A 164 9.16 -2.78 -30.51
N ALA A 165 9.01 -1.72 -31.32
CA ALA A 165 7.75 -1.47 -32.01
C ALA A 165 7.35 -2.66 -32.86
N GLN A 166 8.31 -3.27 -33.56
CA GLN A 166 8.00 -4.40 -34.42
C GLN A 166 7.66 -5.63 -33.62
N HIS A 167 8.37 -5.86 -32.52
CA HIS A 167 8.06 -7.02 -31.69
C HIS A 167 6.71 -6.85 -31.00
N ARG A 168 6.31 -5.60 -30.72
CA ARG A 168 5.06 -5.38 -30.01
C ARG A 168 3.86 -5.79 -30.86
N LYS A 169 3.96 -5.64 -32.18
CA LYS A 169 2.85 -5.97 -33.06
C LYS A 169 2.73 -7.47 -33.34
N LEU A 170 3.71 -8.26 -32.93
CA LEU A 170 3.62 -9.71 -33.10
C LEU A 170 2.55 -10.26 -32.16
N LYS A 171 1.95 -11.38 -32.57
CA LYS A 171 0.94 -12.02 -31.74
C LYS A 171 1.53 -12.55 -30.43
N ALA A 172 2.78 -13.02 -30.45
CA ALA A 172 3.51 -13.44 -29.24
C ALA A 172 4.46 -12.30 -28.90
N HIS A 173 3.96 -11.35 -28.11
CA HIS A 173 4.73 -10.17 -27.72
C HIS A 173 4.90 -10.13 -26.20
N ALA A 174 5.81 -9.27 -25.74
CA ALA A 174 6.03 -9.13 -24.31
C ALA A 174 4.94 -8.25 -23.70
N ASP A 175 4.84 -8.29 -22.37
CA ASP A 175 3.86 -7.46 -21.68
C ASP A 175 4.35 -6.03 -21.49
N GLU A 176 5.66 -5.83 -21.48
CA GLU A 176 6.20 -4.49 -21.42
C GLU A 176 7.60 -4.52 -22.01
N TYR A 177 8.11 -3.33 -22.32
CA TYR A 177 9.42 -3.15 -22.92
C TYR A 177 10.07 -1.96 -22.22
N VAL A 178 11.33 -2.14 -21.81
CA VAL A 178 12.06 -1.13 -21.07
C VAL A 178 13.43 -0.97 -21.72
N ALA A 179 13.73 0.23 -22.19
CA ALA A 179 14.96 0.46 -22.92
C ALA A 179 16.17 0.38 -22.00
N LYS A 180 17.27 -0.16 -22.53
CA LYS A 180 18.61 -0.08 -21.96
C LYS A 180 19.28 1.23 -22.39
N PRO A 181 20.08 1.91 -21.56
CA PRO A 181 20.40 1.65 -20.15
C PRO A 181 19.16 1.78 -19.29
N VAL A 182 18.92 0.76 -18.48
CA VAL A 182 17.70 0.68 -17.68
C VAL A 182 17.95 1.40 -16.37
N ASP A 183 17.00 2.27 -15.93
CA ASP A 183 17.06 2.92 -14.62
C ASP A 183 16.21 2.13 -13.62
N ALA A 184 16.92 1.49 -12.68
CA ALA A 184 16.31 0.42 -11.90
C ALA A 184 14.96 0.80 -11.27
N ASP A 185 14.85 2.01 -10.76
CA ASP A 185 13.61 2.41 -10.11
C ASP A 185 12.45 2.45 -11.09
N GLN A 186 12.69 2.85 -12.34
CA GLN A 186 11.63 2.77 -13.34
C GLN A 186 11.21 1.33 -13.56
N LEU A 187 12.18 0.42 -13.65
CA LEU A 187 11.86 -1.00 -13.79
C LEU A 187 11.03 -1.48 -12.61
N VAL A 188 11.41 -1.06 -11.39
CA VAL A 188 10.66 -1.43 -10.20
C VAL A 188 9.19 -1.05 -10.35
N GLU A 189 8.94 0.19 -10.77
CA GLU A 189 7.56 0.66 -10.89
C GLU A 189 6.79 -0.16 -11.92
N ARG A 190 7.45 -0.53 -13.03
CA ARG A 190 6.77 -1.31 -14.06
C ARG A 190 6.41 -2.70 -13.56
N ALA A 191 7.29 -3.30 -12.75
CA ALA A 191 6.96 -4.59 -12.15
C ALA A 191 5.77 -4.45 -11.20
N GLY A 192 5.73 -3.37 -10.42
CA GLY A 192 4.62 -3.16 -9.51
C GLY A 192 3.31 -2.89 -10.24
N ALA A 193 3.37 -2.37 -11.45
CA ALA A 193 2.15 -2.21 -12.23
C ALA A 193 1.63 -3.56 -12.72
N LEU A 194 2.53 -4.41 -13.19
CA LEU A 194 2.13 -5.70 -13.77
C LEU A 194 1.63 -6.65 -12.69
N ILE A 195 2.41 -6.85 -11.63
CA ILE A 195 2.03 -7.62 -10.45
C ILE A 195 1.88 -6.61 -9.33
N GLY A 196 1.55 -7.06 -8.13
CA GLY A 196 1.40 -6.13 -7.02
C GLY A 196 2.72 -5.53 -6.59
N PHE A 197 2.64 -4.40 -5.88
CA PHE A 197 3.73 -4.03 -5.00
C PHE A 197 3.61 -4.88 -3.73
N PRO A 198 4.74 -5.29 -3.15
CA PRO A 198 4.67 -6.29 -2.06
C PRO A 198 3.86 -5.82 -0.85
N GLU A 199 3.92 -4.54 -0.50
CA GLU A 199 3.23 -4.08 0.71
C GLU A 199 1.72 -4.08 0.52
N GLY A 200 1.25 -3.69 -0.67
CA GLY A 200 -0.18 -3.74 -0.93
C GLY A 200 -0.70 -5.17 -0.98
N ASN A 201 0.09 -6.07 -1.57
CA ASN A 201 -0.29 -7.47 -1.62
C ASN A 201 -0.35 -8.06 -0.22
N SER A 202 0.57 -7.65 0.65
CA SER A 202 0.57 -8.16 2.02
C SER A 202 -0.64 -7.67 2.79
N MET A 203 -1.03 -6.40 2.58
CA MET A 203 -2.22 -5.87 3.25
C MET A 203 -3.49 -6.52 2.73
N MET A 204 -3.53 -6.85 1.44
CA MET A 204 -4.70 -7.51 0.87
C MET A 204 -4.89 -8.90 1.48
N ILE A 205 -3.79 -9.64 1.64
CA ILE A 205 -3.87 -10.95 2.30
C ILE A 205 -4.26 -10.79 3.77
N ALA A 206 -3.66 -9.82 4.47
CA ALA A 206 -4.01 -9.57 5.85
C ALA A 206 -5.50 -9.29 5.99
N LEU A 207 -6.05 -8.48 5.08
CA LEU A 207 -7.48 -8.18 5.16
C LEU A 207 -8.32 -9.39 4.81
N GLY A 208 -7.88 -10.17 3.82
CA GLY A 208 -8.62 -11.35 3.44
C GLY A 208 -8.74 -12.35 4.57
N VAL A 209 -7.65 -12.55 5.31
CA VAL A 209 -7.67 -13.49 6.43
C VAL A 209 -8.54 -12.94 7.55
N ALA A 210 -8.41 -11.64 7.85
CA ALA A 210 -9.25 -11.05 8.88
C ALA A 210 -10.73 -11.23 8.56
N CYS A 211 -11.13 -10.97 7.31
CA CYS A 211 -12.52 -11.15 6.91
C CYS A 211 -12.94 -12.60 7.01
N ALA A 212 -12.11 -13.53 6.52
CA ALA A 212 -12.44 -14.96 6.60
C ALA A 212 -12.65 -15.40 8.05
N ILE A 213 -11.81 -14.90 8.95
CA ILE A 213 -11.98 -15.23 10.37
C ILE A 213 -13.32 -14.74 10.88
N ALA A 214 -13.63 -13.46 10.67
CA ALA A 214 -14.90 -12.89 11.13
C ALA A 214 -16.09 -13.65 10.53
N LEU A 215 -16.02 -13.96 9.23
CA LEU A 215 -17.12 -14.68 8.58
C LEU A 215 -17.28 -16.09 9.14
N ALA A 216 -16.17 -16.77 9.45
CA ALA A 216 -16.25 -18.13 9.99
C ALA A 216 -16.85 -18.13 11.40
N ILE A 217 -16.43 -17.19 12.25
CA ILE A 217 -17.06 -17.08 13.57
C ILE A 217 -18.55 -16.79 13.41
N ALA A 218 -18.90 -15.81 12.59
CA ALA A 218 -20.30 -15.47 12.38
C ALA A 218 -21.09 -16.68 11.93
N ALA A 219 -20.56 -17.41 10.95
CA ALA A 219 -21.27 -18.56 10.40
C ALA A 219 -21.67 -19.55 11.48
N VAL A 220 -20.85 -19.71 12.51
CA VAL A 220 -21.10 -20.74 13.51
C VAL A 220 -22.01 -20.24 14.64
N TYR A 221 -22.04 -18.94 14.89
CA TYR A 221 -22.59 -18.44 16.15
C TYR A 221 -23.85 -17.60 16.02
N PHE A 222 -24.11 -16.98 14.88
CA PHE A 222 -25.35 -16.22 14.74
C PHE A 222 -26.50 -17.23 14.64
N GLY B 1 -10.74 10.41 -3.49
CA GLY B 1 -9.55 10.33 -2.61
C GLY B 1 -8.59 9.22 -2.97
N PRO B 2 -8.29 8.34 -2.02
CA PRO B 2 -7.36 7.24 -2.29
C PRO B 2 -7.73 6.51 -3.57
N HIS B 3 -6.70 6.01 -4.24
CA HIS B 3 -6.85 5.35 -5.54
C HIS B 3 -6.60 3.86 -5.33
N MET B 4 -7.70 3.10 -5.22
CA MET B 4 -7.67 1.70 -4.84
C MET B 4 -7.66 0.77 -6.04
N GLU B 5 -7.67 1.30 -7.25
CA GLU B 5 -7.92 0.46 -8.42
C GLU B 5 -6.93 -0.70 -8.52
N GLN B 6 -5.64 -0.43 -8.29
CA GLN B 6 -4.68 -1.55 -8.29
C GLN B 6 -5.01 -2.54 -7.18
N LEU B 7 -5.32 -2.02 -5.99
CA LEU B 7 -5.64 -2.91 -4.87
C LEU B 7 -6.87 -3.75 -5.18
N GLU B 8 -7.90 -3.14 -5.80
CA GLU B 8 -9.06 -3.91 -6.23
C GLU B 8 -8.67 -4.91 -7.30
N GLY B 9 -7.73 -4.54 -8.18
CA GLY B 9 -7.22 -5.49 -9.14
C GLY B 9 -6.63 -6.72 -8.47
N ILE B 10 -5.81 -6.51 -7.44
CA ILE B 10 -5.17 -7.61 -6.75
C ILE B 10 -6.21 -8.60 -6.23
N MET B 11 -7.23 -8.09 -5.52
CA MET B 11 -8.24 -8.94 -4.89
C MET B 11 -8.95 -9.81 -5.91
N LEU B 12 -9.02 -9.39 -7.17
CA LEU B 12 -9.65 -10.19 -8.21
C LEU B 12 -8.64 -10.99 -9.03
N SER B 13 -7.35 -10.79 -8.78
CA SER B 13 -6.32 -11.45 -9.58
C SER B 13 -6.30 -12.96 -9.30
N PRO B 14 -5.95 -13.76 -10.30
CA PRO B 14 -5.79 -15.21 -10.02
C PRO B 14 -4.68 -15.49 -9.03
N ALA B 15 -3.59 -14.71 -9.06
CA ALA B 15 -2.49 -14.95 -8.12
C ALA B 15 -2.94 -14.79 -6.68
N PHE B 16 -3.71 -13.73 -6.39
CA PHE B 16 -4.18 -13.53 -5.03
C PHE B 16 -5.02 -14.71 -4.57
N GLN B 17 -5.86 -15.23 -5.46
CA GLN B 17 -6.71 -16.35 -5.07
C GLN B 17 -5.88 -17.61 -4.84
N GLU B 18 -4.84 -17.82 -5.65
CA GLU B 18 -3.98 -18.99 -5.47
C GLU B 18 -3.14 -18.85 -4.21
N GLN B 19 -2.64 -17.64 -3.95
CA GLN B 19 -1.86 -17.42 -2.73
C GLN B 19 -2.72 -17.64 -1.49
N MET B 20 -3.96 -17.16 -1.50
CA MET B 20 -4.86 -17.39 -0.38
C MET B 20 -5.21 -18.87 -0.27
N ASN B 21 -5.39 -19.54 -1.40
CA ASN B 21 -5.62 -20.99 -1.38
C ASN B 21 -4.47 -21.70 -0.68
N ALA B 22 -3.24 -21.41 -1.10
CA ALA B 22 -2.06 -22.04 -0.49
C ALA B 22 -1.99 -21.74 0.98
N LEU B 23 -2.27 -20.49 1.37
CA LEU B 23 -2.11 -20.08 2.76
C LEU B 23 -3.02 -20.88 3.68
N MET B 24 -4.24 -21.17 3.24
CA MET B 24 -5.20 -21.86 4.06
C MET B 24 -5.22 -23.35 3.81
N LEU B 25 -4.33 -23.87 2.96
CA LEU B 25 -4.30 -25.29 2.71
C LEU B 25 -3.84 -26.05 3.95
N ASP B 26 -2.69 -25.66 4.51
CA ASP B 26 -2.30 -26.23 5.78
C ASP B 26 -2.72 -25.31 6.91
N PRO B 27 -3.67 -25.70 7.77
CA PRO B 27 -4.22 -24.78 8.76
C PRO B 27 -3.32 -24.54 9.96
N ARG B 28 -2.16 -25.19 10.03
CA ARG B 28 -1.22 -24.93 11.11
C ARG B 28 -0.89 -23.45 11.18
N MET B 29 -0.57 -22.86 10.01
CA MET B 29 -0.16 -21.47 9.91
C MET B 29 -1.26 -20.53 10.39
N LEU B 30 -2.48 -20.73 9.89
CA LEU B 30 -3.60 -19.91 10.32
C LEU B 30 -3.92 -20.14 11.78
N ASP B 31 -3.91 -21.41 12.23
CA ASP B 31 -4.15 -21.70 13.63
C ASP B 31 -3.16 -20.97 14.51
N MET B 32 -1.88 -20.92 14.10
CA MET B 32 -0.88 -20.24 14.90
C MET B 32 -1.19 -18.75 15.00
N MET B 33 -1.54 -18.11 13.87
CA MET B 33 -1.87 -16.69 13.87
C MET B 33 -3.09 -16.41 14.75
N ILE B 34 -4.12 -17.24 14.62
CA ILE B 34 -5.29 -17.11 15.50
C ILE B 34 -4.88 -17.23 16.96
N ASP B 35 -4.09 -18.25 17.29
CA ASP B 35 -3.74 -18.53 18.68
C ASP B 35 -2.79 -17.49 19.27
N GLN B 36 -2.16 -16.65 18.45
CA GLN B 36 -1.39 -15.55 18.99
C GLN B 36 -2.27 -14.57 19.75
N ASN B 37 -3.55 -14.50 19.38
CA ASN B 37 -4.46 -13.50 19.93
C ASN B 37 -5.22 -14.12 21.08
N PRO B 38 -5.01 -13.68 22.33
CA PRO B 38 -5.77 -14.29 23.43
C PRO B 38 -7.27 -14.24 23.21
N GLN B 39 -7.77 -13.18 22.59
CA GLN B 39 -9.21 -13.02 22.40
C GLN B 39 -9.76 -13.98 21.35
N LEU B 40 -8.92 -14.50 20.48
CA LEU B 40 -9.38 -15.42 19.45
C LEU B 40 -8.96 -16.86 19.68
N ARG B 41 -8.02 -17.13 20.58
CA ARG B 41 -7.45 -18.47 20.66
C ARG B 41 -8.48 -19.51 21.08
N ASN B 42 -9.56 -19.10 21.74
CA ASN B 42 -10.59 -20.06 22.13
C ASN B 42 -11.61 -20.30 21.02
N MET B 43 -11.44 -19.68 19.86
CA MET B 43 -12.20 -20.04 18.68
C MET B 43 -12.25 -21.57 18.53
N GLY B 44 -13.46 -22.10 18.50
CA GLY B 44 -13.65 -23.54 18.51
C GLY B 44 -13.30 -24.22 17.21
N PRO B 45 -13.25 -25.55 17.22
CA PRO B 45 -12.92 -26.28 15.98
C PRO B 45 -13.99 -26.16 14.91
N GLU B 46 -15.27 -26.09 15.28
CA GLU B 46 -16.32 -25.86 14.29
C GLU B 46 -16.06 -24.60 13.49
N ALA B 47 -15.75 -23.49 14.18
CA ALA B 47 -15.48 -22.24 13.48
C ALA B 47 -14.21 -22.32 12.64
N ARG B 48 -13.16 -22.97 13.16
CA ARG B 48 -11.93 -23.13 12.39
C ARG B 48 -12.17 -23.97 11.14
N GLN B 49 -13.05 -24.97 11.25
CA GLN B 49 -13.41 -25.78 10.10
C GLN B 49 -14.13 -24.98 9.03
N MET B 50 -14.78 -23.87 9.38
CA MET B 50 -15.49 -23.04 8.41
C MET B 50 -14.57 -22.01 7.74
N LEU B 51 -13.30 -21.97 8.13
CA LEU B 51 -12.39 -20.97 7.58
C LEU B 51 -12.23 -21.11 6.07
N ARG B 52 -11.98 -22.33 5.59
CA ARG B 52 -11.76 -22.50 4.16
C ARG B 52 -13.10 -22.33 3.43
N PRO B 53 -14.19 -22.93 3.93
CA PRO B 53 -15.50 -22.66 3.30
C PRO B 53 -15.82 -21.17 3.20
N MET B 54 -15.63 -20.42 4.29
CA MET B 54 -15.95 -19.00 4.26
C MET B 54 -15.02 -18.25 3.33
N PHE B 55 -13.77 -18.70 3.21
CA PHE B 55 -12.87 -18.06 2.27
C PHE B 55 -13.34 -18.28 0.83
N ARG B 56 -13.72 -19.52 0.52
CA ARG B 56 -14.26 -19.83 -0.79
C ARG B 56 -15.48 -18.96 -1.09
N GLU B 57 -16.39 -18.86 -0.13
CA GLU B 57 -17.52 -17.94 -0.26
C GLU B 57 -17.03 -16.51 -0.45
N MET B 58 -15.97 -16.13 0.26
CA MET B 58 -15.40 -14.79 0.10
C MET B 58 -14.97 -14.53 -1.33
N MET B 59 -14.32 -15.50 -1.98
CA MET B 59 -13.80 -15.26 -3.31
C MET B 59 -14.88 -15.29 -4.38
N SER B 60 -15.96 -16.05 -4.17
CA SER B 60 -17.09 -15.98 -5.08
C SER B 60 -17.66 -14.58 -5.11
N ASN B 61 -17.76 -13.94 -3.96
CA ASN B 61 -18.17 -12.54 -3.88
C ASN B 61 -17.51 -11.94 -2.65
N PRO B 62 -16.39 -11.18 -2.84
CA PRO B 62 -15.68 -10.55 -1.72
C PRO B 62 -16.31 -9.23 -1.27
N GLU B 63 -17.62 -9.25 -1.01
CA GLU B 63 -18.25 -8.05 -0.49
C GLU B 63 -17.65 -7.66 0.86
N SER B 64 -17.28 -8.64 1.68
CA SER B 64 -16.68 -8.33 2.98
C SER B 64 -15.43 -7.48 2.80
N MET B 65 -14.50 -7.93 1.94
CA MET B 65 -13.28 -7.19 1.72
C MET B 65 -13.56 -5.85 1.05
N ARG B 66 -14.44 -5.85 0.06
CA ARG B 66 -14.75 -4.62 -0.66
C ARG B 66 -15.37 -3.59 0.28
N SER B 67 -16.34 -4.01 1.11
CA SER B 67 -17.01 -3.07 1.99
C SER B 67 -16.04 -2.47 3.01
N MET B 68 -15.01 -3.23 3.41
CA MET B 68 -14.04 -2.70 4.35
C MET B 68 -13.05 -1.79 3.64
N MET B 69 -12.59 -2.17 2.44
CA MET B 69 -11.72 -1.28 1.68
C MET B 69 -12.42 0.03 1.34
N ASN B 70 -13.72 -0.01 1.09
CA ASN B 70 -14.46 1.21 0.79
C ASN B 70 -14.57 2.10 2.02
N MET B 71 -14.83 1.48 3.18
CA MET B 71 -14.80 2.18 4.46
C MET B 71 -13.44 2.85 4.67
N GLY B 72 -12.36 2.09 4.45
CA GLY B 72 -11.03 2.64 4.63
C GLY B 72 -10.73 3.79 3.70
N ARG B 73 -11.09 3.64 2.41
CA ARG B 73 -10.90 4.75 1.49
C ARG B 73 -11.62 6.00 1.99
N ALA B 74 -12.82 5.84 2.56
CA ALA B 74 -13.62 6.98 2.96
C ALA B 74 -13.00 7.70 4.15
N TRP B 75 -12.33 6.98 5.03
CA TRP B 75 -11.71 7.59 6.19
C TRP B 75 -10.19 7.65 6.10
N GLY B 76 -9.59 7.14 5.01
CA GLY B 76 -8.15 7.20 4.77
C GLY B 76 -7.68 8.45 4.08
N SER B 77 -8.56 9.42 3.90
CA SER B 77 -8.17 10.70 3.35
C SER B 77 -7.33 11.45 4.37
N LYS B 78 -6.19 11.96 3.92
CA LYS B 78 -5.36 12.89 4.67
C LYS B 78 -5.23 14.20 3.92
N LYS B 79 -5.26 15.29 4.66
CA LYS B 79 -5.41 16.62 4.10
C LYS B 79 -4.12 17.40 4.16
N ILE B 80 -3.78 18.04 3.05
CA ILE B 80 -2.57 18.83 2.90
C ILE B 80 -2.99 20.25 2.57
N LEU B 81 -2.44 21.22 3.30
CA LEU B 81 -2.64 22.63 2.99
C LEU B 81 -1.37 23.17 2.33
N ILE B 82 -1.54 23.82 1.19
CA ILE B 82 -0.46 24.49 0.50
C ILE B 82 -0.55 25.99 0.78
N VAL B 83 0.49 26.57 1.37
CA VAL B 83 0.59 28.00 1.57
C VAL B 83 1.63 28.50 0.57
N GLU B 84 1.16 29.06 -0.56
CA GLU B 84 2.03 29.40 -1.67
C GLU B 84 1.38 30.52 -2.45
N SER B 85 2.14 31.59 -2.71
CA SER B 85 1.60 32.75 -3.42
C SER B 85 1.61 32.54 -4.93
N ASP B 86 2.55 31.76 -5.45
CA ASP B 86 2.63 31.39 -6.86
C ASP B 86 1.46 30.48 -7.18
N THR B 87 0.38 31.05 -7.72
CA THR B 87 -0.85 30.29 -7.91
C THR B 87 -0.65 29.14 -8.88
N ALA B 88 0.13 29.38 -9.94
CA ALA B 88 0.34 28.34 -10.95
C ALA B 88 1.08 27.15 -10.33
N LEU B 89 2.10 27.42 -9.51
CA LEU B 89 2.81 26.35 -8.84
C LEU B 89 1.92 25.64 -7.83
N SER B 90 1.15 26.40 -7.06
CA SER B 90 0.26 25.80 -6.07
C SER B 90 -0.73 24.87 -6.74
N ALA B 91 -1.25 25.26 -7.91
CA ALA B 91 -2.20 24.41 -8.62
C ALA B 91 -1.54 23.13 -9.10
N THR B 92 -0.32 23.24 -9.63
CA THR B 92 0.37 22.05 -10.15
C THR B 92 0.66 21.05 -9.03
N LEU B 93 1.12 21.55 -7.87
CA LEU B 93 1.42 20.66 -6.75
C LEU B 93 0.14 20.05 -6.18
N ARG B 94 -0.95 20.82 -6.16
CA ARG B 94 -2.21 20.30 -5.63
C ARG B 94 -2.69 19.11 -6.46
N SER B 95 -2.69 19.26 -7.79
CA SER B 95 -3.20 18.20 -8.65
C SER B 95 -2.30 16.97 -8.60
N ALA B 96 -1.00 17.15 -8.36
CA ALA B 96 -0.13 16.00 -8.21
C ALA B 96 -0.42 15.26 -6.91
N LEU B 97 -0.62 16.03 -5.84
CA LEU B 97 -0.97 15.43 -4.55
C LEU B 97 -2.36 14.81 -4.63
N GLU B 98 -3.31 15.52 -5.22
CA GLU B 98 -4.63 14.94 -5.42
C GLU B 98 -4.56 13.70 -6.31
N GLY B 99 -3.69 13.72 -7.34
CA GLY B 99 -3.53 12.56 -8.19
C GLY B 99 -3.05 11.33 -7.45
N ARG B 100 -2.26 11.51 -6.39
CA ARG B 100 -1.84 10.39 -5.56
C ARG B 100 -2.86 10.05 -4.47
N GLY B 101 -3.88 10.87 -4.29
CA GLY B 101 -4.97 10.51 -3.41
C GLY B 101 -5.15 11.40 -2.20
N PHE B 102 -4.36 12.46 -2.06
CA PHE B 102 -4.51 13.34 -0.92
C PHE B 102 -5.61 14.35 -1.16
N THR B 103 -6.26 14.80 -0.08
CA THR B 103 -7.15 15.94 -0.09
C THR B 103 -6.34 17.22 0.13
N VAL B 104 -6.54 18.22 -0.73
CA VAL B 104 -5.65 19.37 -0.78
C VAL B 104 -6.45 20.67 -0.70
N ASP B 105 -6.03 21.56 0.21
CA ASP B 105 -6.53 22.92 0.30
C ASP B 105 -5.42 23.88 -0.10
N GLU B 106 -5.80 25.12 -0.42
CA GLU B 106 -4.83 26.09 -0.91
C GLU B 106 -5.08 27.48 -0.34
N THR B 107 -3.99 28.23 -0.17
CA THR B 107 -4.07 29.62 0.26
C THR B 107 -2.81 30.37 -0.16
N THR B 108 -2.99 31.63 -0.57
CA THR B 108 -1.89 32.54 -0.81
C THR B 108 -1.64 33.48 0.37
N ASP B 109 -2.44 33.38 1.42
CA ASP B 109 -2.45 34.37 2.51
C ASP B 109 -1.61 33.82 3.66
N GLY B 110 -0.33 34.20 3.68
CA GLY B 110 0.52 33.77 4.78
C GLY B 110 0.11 34.38 6.11
N LYS B 111 -0.38 35.63 6.07
CA LYS B 111 -0.68 36.32 7.33
C LYS B 111 -1.70 35.54 8.15
N GLY B 112 -2.74 35.01 7.51
CA GLY B 112 -3.76 34.27 8.22
C GLY B 112 -3.56 32.77 8.25
N SER B 113 -2.45 32.27 7.67
CA SER B 113 -2.30 30.84 7.51
C SER B 113 -2.13 30.12 8.85
N VAL B 114 -1.55 30.77 9.85
CA VAL B 114 -1.36 30.12 11.15
C VAL B 114 -2.73 29.79 11.76
N GLU B 115 -3.63 30.77 11.78
CA GLU B 115 -4.95 30.55 12.36
C GLU B 115 -5.77 29.59 11.51
N GLN B 116 -5.62 29.66 10.18
CA GLN B 116 -6.31 28.70 9.31
C GLN B 116 -5.88 27.28 9.61
N ILE B 117 -4.57 27.06 9.81
CA ILE B 117 -4.08 25.74 10.19
C ILE B 117 -4.71 25.31 11.51
N ARG B 118 -4.80 26.23 12.47
CA ARG B 118 -5.43 25.90 13.75
C ARG B 118 -6.88 25.50 13.56
N ARG B 119 -7.61 26.24 12.72
CA ARG B 119 -9.02 25.92 12.48
C ARG B 119 -9.17 24.56 11.81
N ASP B 120 -8.40 24.33 10.75
CA ASP B 120 -8.64 23.20 9.86
C ASP B 120 -7.77 21.99 10.14
N ARG B 121 -6.70 22.15 10.91
CA ARG B 121 -5.85 21.04 11.33
C ARG B 121 -5.51 20.08 10.18
N PRO B 122 -4.89 20.57 9.12
CA PRO B 122 -4.43 19.66 8.07
C PRO B 122 -3.42 18.67 8.61
N ASP B 123 -3.26 17.56 7.88
CA ASP B 123 -2.28 16.56 8.26
C ASP B 123 -0.86 16.95 7.83
N LEU B 124 -0.73 17.87 6.88
CA LEU B 124 0.58 18.28 6.42
C LEU B 124 0.44 19.65 5.77
N VAL B 125 1.49 20.46 5.90
CA VAL B 125 1.53 21.80 5.32
C VAL B 125 2.72 21.88 4.38
N VAL B 126 2.46 22.28 3.15
CA VAL B 126 3.49 22.67 2.20
C VAL B 126 3.58 24.20 2.22
N LEU B 127 4.74 24.72 2.62
CA LEU B 127 4.87 26.15 2.93
C LEU B 127 6.03 26.73 2.15
N ALA B 128 5.72 27.68 1.27
CA ALA B 128 6.74 28.32 0.46
C ALA B 128 7.50 29.36 1.27
N VAL B 129 8.80 29.48 1.00
CA VAL B 129 9.59 30.54 1.64
C VAL B 129 9.12 31.91 1.17
N ASP B 130 9.07 32.11 -0.14
CA ASP B 130 8.81 33.43 -0.71
C ASP B 130 7.31 33.61 -0.90
N LEU B 131 6.70 34.44 -0.07
CA LEU B 131 5.29 34.72 -0.11
C LEU B 131 5.04 36.22 -0.28
N SER B 132 3.78 36.56 -0.56
CA SER B 132 3.42 37.93 -0.89
C SER B 132 3.04 38.72 0.37
N ALA B 133 2.98 40.04 0.21
CA ALA B 133 2.67 40.95 1.32
C ALA B 133 3.72 40.85 2.42
N GLY B 134 4.97 40.61 2.02
CA GLY B 134 6.05 40.61 2.97
C GLY B 134 5.99 39.51 4.00
N GLN B 135 5.25 38.45 3.75
CA GLN B 135 5.30 37.26 4.59
C GLN B 135 6.40 36.31 4.12
N ASN B 136 6.90 35.49 5.05
CA ASN B 136 8.05 34.63 4.78
C ASN B 136 7.78 33.27 5.40
N GLY B 137 8.00 32.21 4.61
CA GLY B 137 7.70 30.87 5.07
C GLY B 137 8.55 30.45 6.25
N TYR B 138 9.79 30.94 6.32
CA TYR B 138 10.61 30.68 7.49
C TYR B 138 9.98 31.28 8.74
N LEU B 139 9.47 32.52 8.62
CA LEU B 139 8.84 33.17 9.76
C LEU B 139 7.58 32.43 10.17
N ILE B 140 6.73 32.08 9.19
CA ILE B 140 5.52 31.31 9.49
C ILE B 140 5.89 30.00 10.15
N CYS B 141 6.89 29.30 9.60
CA CYS B 141 7.29 28.02 10.19
C CYS B 141 7.73 28.18 11.64
N GLY B 142 8.42 29.28 11.95
CA GLY B 142 8.83 29.52 13.33
C GLY B 142 7.66 29.71 14.27
N LYS B 143 6.62 30.41 13.80
CA LYS B 143 5.42 30.59 14.61
C LYS B 143 4.76 29.24 14.91
N LEU B 144 4.68 28.36 13.91
CA LEU B 144 3.99 27.08 14.08
C LEU B 144 4.76 26.15 15.02
N LYS B 145 6.09 26.07 14.85
CA LYS B 145 6.89 25.19 15.68
C LYS B 145 7.08 25.71 17.10
N LYS B 146 6.70 26.95 17.38
CA LYS B 146 6.70 27.47 18.73
C LYS B 146 5.34 27.34 19.41
N ASP B 147 4.28 27.04 18.64
CA ASP B 147 2.94 26.86 19.17
C ASP B 147 2.75 25.42 19.61
N ASP B 148 2.39 25.22 20.88
CA ASP B 148 2.30 23.86 21.41
C ASP B 148 1.17 23.08 20.76
N ASP B 149 0.13 23.77 20.28
CA ASP B 149 -0.98 23.05 19.66
C ASP B 149 -0.61 22.54 18.27
N LEU B 150 0.19 23.32 17.53
CA LEU B 150 0.42 23.03 16.14
C LEU B 150 1.85 22.62 15.83
N LYS B 151 2.73 22.54 16.83
CA LYS B 151 4.13 22.29 16.55
C LYS B 151 4.39 20.86 16.09
N ASN B 152 3.43 19.95 16.25
CA ASN B 152 3.59 18.59 15.76
C ASN B 152 2.98 18.39 14.38
N VAL B 153 2.44 19.45 13.77
CA VAL B 153 1.94 19.40 12.40
C VAL B 153 3.13 19.42 11.46
N PRO B 154 3.30 18.41 10.58
CA PRO B 154 4.51 18.38 9.74
C PRO B 154 4.48 19.48 8.68
N ILE B 155 5.61 20.16 8.53
CA ILE B 155 5.76 21.26 7.59
C ILE B 155 6.85 20.89 6.59
N VAL B 156 6.52 20.96 5.30
CA VAL B 156 7.49 20.84 4.22
C VAL B 156 7.68 22.22 3.64
N ILE B 157 8.86 22.79 3.84
CA ILE B 157 9.18 24.08 3.25
C ILE B 157 9.67 23.85 1.82
N ILE B 158 9.18 24.69 0.91
CA ILE B 158 9.66 24.73 -0.47
C ILE B 158 10.18 26.14 -0.73
N GLY B 159 11.35 26.24 -1.36
CA GLY B 159 11.89 27.54 -1.72
C GLY B 159 13.35 27.45 -2.12
N ASN B 160 13.95 28.62 -2.26
CA ASN B 160 15.39 28.79 -2.45
C ASN B 160 16.13 28.00 -1.37
N PRO B 161 16.98 27.04 -1.74
CA PRO B 161 17.69 26.25 -0.72
C PRO B 161 18.79 27.02 -0.01
N ASP B 162 18.96 28.31 -0.32
CA ASP B 162 20.04 29.09 0.29
C ASP B 162 19.96 29.03 1.80
N GLY B 163 18.76 29.15 2.35
CA GLY B 163 18.60 29.26 3.79
C GLY B 163 18.31 27.98 4.52
N PHE B 164 18.32 26.83 3.84
CA PHE B 164 17.88 25.61 4.48
C PHE B 164 18.77 25.23 5.65
N ALA B 165 20.09 25.16 5.42
CA ALA B 165 21.00 24.66 6.44
C ALA B 165 20.86 25.44 7.74
N GLN B 166 20.83 26.76 7.65
CA GLN B 166 20.75 27.59 8.85
C GLN B 166 19.41 27.43 9.54
N HIS B 167 18.31 27.38 8.78
CA HIS B 167 17.00 27.23 9.39
C HIS B 167 16.86 25.86 10.05
N ARG B 168 17.52 24.85 9.49
CA ARG B 168 17.41 23.50 10.04
C ARG B 168 17.95 23.42 11.46
N LYS B 169 19.01 24.19 11.75
CA LYS B 169 19.65 24.13 13.05
C LYS B 169 18.86 24.91 14.11
N LEU B 170 17.90 25.72 13.69
CA LEU B 170 17.05 26.40 14.65
C LEU B 170 16.20 25.40 15.41
N LYS B 171 15.83 25.77 16.64
CA LYS B 171 15.00 24.89 17.46
C LYS B 171 13.58 24.75 16.90
N ALA B 172 13.08 25.78 16.21
CA ALA B 172 11.79 25.73 15.55
C ALA B 172 12.05 25.62 14.05
N HIS B 173 12.33 24.39 13.61
CA HIS B 173 12.67 24.10 12.22
C HIS B 173 11.53 23.34 11.54
N ALA B 174 11.57 23.32 10.21
CA ALA B 174 10.61 22.54 9.45
C ALA B 174 10.97 21.05 9.53
N ASP B 175 9.99 20.21 9.20
CA ASP B 175 10.23 18.77 9.19
C ASP B 175 10.93 18.32 7.92
N GLU B 176 10.91 19.13 6.87
CA GLU B 176 11.44 18.75 5.57
C GLU B 176 11.62 20.01 4.74
N TYR B 177 12.63 19.99 3.89
CA TYR B 177 12.95 21.10 3.00
C TYR B 177 13.09 20.57 1.59
N VAL B 178 12.40 21.21 0.65
CA VAL B 178 12.42 20.81 -0.76
C VAL B 178 12.74 22.03 -1.61
N ALA B 179 13.82 21.97 -2.38
CA ALA B 179 14.25 23.12 -3.15
C ALA B 179 13.32 23.40 -4.31
N LYS B 180 13.19 24.70 -4.64
CA LYS B 180 12.54 25.18 -5.86
C LYS B 180 13.59 25.30 -6.98
N PRO B 181 13.29 24.92 -8.22
CA PRO B 181 12.01 24.43 -8.76
C PRO B 181 11.64 23.04 -8.26
N VAL B 182 10.38 22.88 -7.84
CA VAL B 182 9.95 21.65 -7.21
C VAL B 182 9.59 20.62 -8.27
N ASP B 183 10.19 19.43 -8.16
CA ASP B 183 9.69 18.27 -8.89
C ASP B 183 8.46 17.76 -8.13
N ALA B 184 7.28 17.92 -8.72
CA ALA B 184 6.05 17.58 -8.01
C ALA B 184 6.10 16.16 -7.47
N ASP B 185 6.54 15.21 -8.30
CA ASP B 185 6.46 13.81 -7.91
C ASP B 185 7.27 13.51 -6.66
N GLN B 186 8.48 14.11 -6.53
CA GLN B 186 9.32 13.86 -5.35
C GLN B 186 8.73 14.55 -4.12
N LEU B 187 8.08 15.72 -4.32
CA LEU B 187 7.31 16.34 -3.26
C LEU B 187 6.26 15.38 -2.78
N VAL B 188 5.60 14.68 -3.71
CA VAL B 188 4.57 13.69 -3.34
C VAL B 188 5.15 12.65 -2.40
N GLU B 189 6.29 12.07 -2.77
CA GLU B 189 6.86 11.01 -1.95
C GLU B 189 7.34 11.54 -0.60
N ARG B 190 7.79 12.80 -0.54
CA ARG B 190 8.17 13.37 0.75
C ARG B 190 6.95 13.53 1.65
N ALA B 191 5.79 13.85 1.06
CA ALA B 191 4.56 13.90 1.83
C ALA B 191 4.16 12.50 2.28
N GLY B 192 4.35 11.50 1.42
CA GLY B 192 4.01 10.14 1.80
C GLY B 192 4.93 9.58 2.86
N ALA B 193 6.13 10.12 2.99
CA ALA B 193 7.02 9.65 4.03
C ALA B 193 6.61 10.22 5.38
N LEU B 194 6.17 11.48 5.40
CA LEU B 194 5.86 12.14 6.66
C LEU B 194 4.51 11.67 7.22
N ILE B 195 3.50 11.60 6.37
CA ILE B 195 2.19 11.02 6.68
C ILE B 195 2.08 9.78 5.80
N GLY B 196 0.97 9.04 5.89
CA GLY B 196 0.83 7.86 5.06
C GLY B 196 0.71 8.21 3.58
N PHE B 197 0.90 7.19 2.75
CA PHE B 197 0.30 7.25 1.42
C PHE B 197 -1.16 6.83 1.52
N PRO B 198 -2.06 7.44 0.76
CA PRO B 198 -3.49 7.23 1.04
C PRO B 198 -3.94 5.78 0.93
N GLU B 199 -3.36 5.02 0.01
CA GLU B 199 -3.82 3.64 -0.19
C GLU B 199 -3.38 2.75 0.97
N GLY B 200 -2.16 2.94 1.47
CA GLY B 200 -1.74 2.19 2.64
C GLY B 200 -2.55 2.54 3.86
N ASN B 201 -2.83 3.84 4.06
CA ASN B 201 -3.67 4.27 5.17
C ASN B 201 -5.07 3.67 5.08
N SER B 202 -5.61 3.60 3.86
CA SER B 202 -6.95 3.04 3.69
C SER B 202 -6.98 1.55 4.00
N MET B 203 -5.93 0.82 3.58
CA MET B 203 -5.86 -0.60 3.88
C MET B 203 -5.66 -0.83 5.37
N MET B 204 -4.95 0.08 6.05
CA MET B 204 -4.77 -0.05 7.49
C MET B 204 -6.09 0.11 8.23
N ILE B 205 -6.89 1.11 7.84
CA ILE B 205 -8.21 1.28 8.45
C ILE B 205 -9.09 0.07 8.14
N ALA B 206 -9.04 -0.43 6.90
CA ALA B 206 -9.85 -1.58 6.54
C ALA B 206 -9.48 -2.79 7.39
N LEU B 207 -8.18 -3.03 7.59
CA LEU B 207 -7.76 -4.16 8.42
C LEU B 207 -8.17 -3.93 9.88
N GLY B 208 -8.05 -2.70 10.36
CA GLY B 208 -8.45 -2.41 11.72
C GLY B 208 -9.91 -2.70 11.97
N VAL B 209 -10.79 -2.26 11.07
CA VAL B 209 -12.21 -2.52 11.21
C VAL B 209 -12.49 -4.02 11.18
N ALA B 210 -11.85 -4.72 10.24
CA ALA B 210 -12.06 -6.15 10.14
C ALA B 210 -11.69 -6.85 11.45
N CYS B 211 -10.55 -6.48 12.03
CA CYS B 211 -10.14 -7.09 13.28
C CYS B 211 -11.07 -6.73 14.43
N ALA B 212 -11.46 -5.46 14.53
CA ALA B 212 -12.41 -5.05 15.56
C ALA B 212 -13.70 -5.87 15.47
N ILE B 213 -14.20 -6.06 14.25
CA ILE B 213 -15.42 -6.85 14.07
C ILE B 213 -15.24 -8.27 14.57
N ALA B 214 -14.15 -8.92 14.14
CA ALA B 214 -13.91 -10.31 14.55
C ALA B 214 -13.75 -10.40 16.06
N LEU B 215 -13.11 -9.39 16.68
CA LEU B 215 -12.87 -9.43 18.11
C LEU B 215 -14.16 -9.19 18.89
N ALA B 216 -15.05 -8.35 18.37
CA ALA B 216 -16.31 -8.09 19.06
C ALA B 216 -17.22 -9.31 19.00
N ILE B 217 -17.33 -9.94 17.83
CA ILE B 217 -18.12 -11.17 17.73
C ILE B 217 -17.56 -12.21 18.69
N ALA B 218 -16.24 -12.41 18.66
CA ALA B 218 -15.63 -13.40 19.53
C ALA B 218 -15.90 -13.09 20.99
N ALA B 219 -15.77 -11.82 21.38
CA ALA B 219 -15.99 -11.42 22.76
C ALA B 219 -17.36 -11.84 23.26
N VAL B 220 -18.37 -11.80 22.40
CA VAL B 220 -19.73 -12.10 22.83
C VAL B 220 -20.03 -13.60 22.82
N TYR B 221 -19.35 -14.38 21.99
CA TYR B 221 -19.71 -15.77 21.78
C TYR B 221 -18.65 -16.75 22.27
N PHE B 222 -17.45 -16.30 22.60
CA PHE B 222 -16.46 -17.20 23.19
C PHE B 222 -15.26 -16.42 23.73
#